data_1QZ4
#
_entry.id   1QZ4
#
_cell.length_a   43.102
_cell.length_b   62.749
_cell.length_c   68.399
_cell.angle_alpha   90.00
_cell.angle_beta   90.00
_cell.angle_gamma   90.00
#
_symmetry.space_group_name_H-M   'P 21 21 21'
#
loop_
_entity.id
_entity.type
_entity.pdbx_description
1 polymer 'Hypothetical protein ycfC'
2 non-polymer 'PHOSPHATE ION'
3 non-polymer 'MERCURY (II) ION'
4 water water
#
_entity_poly.entity_id   1
_entity_poly.type   'polypeptide(L)'
_entity_poly.pdbx_seq_one_letter_code
;GAKNYYDITLALAGICQSARLVQQLAHQGHCDADALHVSLNSIIDMNPSSTLAVFGGSEANLRVGLETLLGVLNASSRQG
LNAELTRYTLSLMVLERKLSSAKGALDTLGNRINGLQRQLEHFDLQSETLMSAMAAIYVDVISPLGPRIQVTGSPAVLQS
PQVQAKVRATLLAGIRAAVLWHQVGGGRLQLMFSRNRLTTQAKQILAHLTPEL
;
_entity_poly.pdbx_strand_id   A
#
loop_
_chem_comp.id
_chem_comp.type
_chem_comp.name
_chem_comp.formula
HG non-polymer 'MERCURY (II) ION' 'Hg 2'
PO4 non-polymer 'PHOSPHATE ION' 'O4 P -3'
#
# COMPACT_ATOMS: atom_id res chain seq x y z
N GLY A 1 10.51 9.33 -16.90
CA GLY A 1 10.51 8.61 -18.22
C GLY A 1 10.98 7.15 -18.08
N ALA A 2 12.25 6.92 -18.39
CA ALA A 2 12.81 5.57 -18.35
C ALA A 2 12.88 5.08 -16.92
N LYS A 3 12.93 3.76 -16.76
CA LYS A 3 13.08 3.12 -15.45
C LYS A 3 14.09 3.87 -14.58
N ASN A 4 13.71 4.25 -13.37
CA ASN A 4 14.65 4.83 -12.43
C ASN A 4 14.32 4.50 -10.99
N TYR A 5 15.35 4.53 -10.15
CA TYR A 5 15.20 4.18 -8.75
C TYR A 5 14.40 5.16 -7.92
N TYR A 6 14.36 6.44 -8.31
CA TYR A 6 13.48 7.37 -7.65
C TYR A 6 11.98 6.96 -7.71
N ASP A 7 11.47 6.65 -8.89
CA ASP A 7 10.08 6.22 -9.06
C ASP A 7 9.81 4.85 -8.41
N ILE A 8 10.76 3.96 -8.52
CA ILE A 8 10.65 2.61 -7.95
C ILE A 8 10.59 2.68 -6.42
N THR A 9 11.43 3.52 -5.85
CA THR A 9 11.42 3.75 -4.42
C THR A 9 10.05 4.31 -3.92
N LEU A 10 9.45 5.20 -4.66
CA LEU A 10 8.17 5.79 -4.25
C LEU A 10 7.08 4.73 -4.24
N ALA A 11 7.00 3.95 -5.33
CA ALA A 11 6.01 2.91 -5.45
C ALA A 11 6.19 1.87 -4.39
N LEU A 12 7.46 1.51 -4.13
CA LEU A 12 7.74 0.60 -3.00
C LEU A 12 7.31 1.21 -1.68
N ALA A 13 7.48 2.51 -1.54
CA ALA A 13 7.11 3.20 -0.28
C ALA A 13 5.60 3.11 -0.09
N GLY A 14 4.82 3.20 -1.15
CA GLY A 14 3.37 2.98 -1.07
C GLY A 14 2.97 1.61 -0.57
N ILE A 15 3.67 0.57 -0.98
CA ILE A 15 3.33 -0.80 -0.53
C ILE A 15 3.67 -0.87 0.97
N CYS A 16 4.83 -0.38 1.39
CA CYS A 16 5.22 -0.35 2.80
C CYS A 16 4.29 0.49 3.67
N GLN A 17 3.78 1.60 3.11
CA GLN A 17 2.82 2.45 3.78
C GLN A 17 1.53 1.72 4.13
N SER A 18 0.99 0.99 3.17
CA SER A 18 -0.13 0.11 3.40
C SER A 18 0.18 -0.87 4.51
N ALA A 19 1.36 -1.48 4.43
CA ALA A 19 1.70 -2.50 5.42
C ALA A 19 1.76 -1.92 6.82
N ARG A 20 2.33 -0.74 6.93
CA ARG A 20 2.51 -0.13 8.26
C ARG A 20 1.15 0.35 8.84
N LEU A 21 0.28 0.85 7.99
CA LEU A 21 -1.02 1.34 8.44
C LEU A 21 -1.87 0.15 8.92
N VAL A 22 -1.74 -1.02 8.28
CA VAL A 22 -2.44 -2.22 8.72
C VAL A 22 -1.94 -2.61 10.10
N GLN A 23 -0.63 -2.50 10.29
CA GLN A 23 -0.01 -2.85 11.58
C GLN A 23 -0.42 -1.90 12.70
N GLN A 24 -0.48 -0.59 12.43
CA GLN A 24 -0.95 0.36 13.48
C GLN A 24 -2.37 0.02 13.87
N LEU A 25 -3.19 -0.23 12.87
CA LEU A 25 -4.62 -0.58 13.02
C LEU A 25 -4.79 -1.87 13.85
N ALA A 26 -4.08 -2.91 13.47
CA ALA A 26 -4.25 -4.20 14.12
C ALA A 26 -3.81 -4.16 15.62
N HIS A 27 -2.80 -3.36 15.97
CA HIS A 27 -2.27 -3.34 17.35
C HIS A 27 -2.95 -2.29 18.24
N GLN A 28 -3.35 -1.16 17.65
CA GLN A 28 -3.87 -0.01 18.38
C GLN A 28 -5.32 0.33 18.03
N GLY A 29 -5.81 -0.10 16.87
CA GLY A 29 -7.13 0.24 16.42
C GLY A 29 -7.26 1.64 15.83
N HIS A 30 -6.12 2.30 15.61
CA HIS A 30 -6.05 3.63 15.02
C HIS A 30 -4.78 3.74 14.23
N CYS A 31 -4.81 4.52 13.15
CA CYS A 31 -3.60 4.71 12.37
C CYS A 31 -3.39 6.18 11.97
N ASP A 32 -2.22 6.49 11.42
CA ASP A 32 -1.93 7.85 10.96
C ASP A 32 -2.97 8.24 9.93
N ALA A 33 -3.84 9.17 10.27
CA ALA A 33 -4.94 9.62 9.41
C ALA A 33 -4.45 10.22 8.07
N ASP A 34 -3.43 11.04 8.15
CA ASP A 34 -2.93 11.68 6.95
C ASP A 34 -2.38 10.66 5.99
N ALA A 35 -1.62 9.70 6.49
CA ALA A 35 -1.04 8.66 5.63
C ALA A 35 -2.15 7.79 5.06
N LEU A 36 -3.16 7.47 5.87
CA LEU A 36 -4.25 6.63 5.35
C LEU A 36 -5.03 7.42 4.26
N HIS A 37 -5.27 8.69 4.52
CA HIS A 37 -5.97 9.50 3.50
C HIS A 37 -5.24 9.45 2.17
N VAL A 38 -3.92 9.62 2.19
CA VAL A 38 -3.09 9.48 1.02
C VAL A 38 -3.24 8.13 0.35
N SER A 39 -3.11 7.05 1.14
CA SER A 39 -3.18 5.69 0.60
C SER A 39 -4.55 5.36 0.00
N LEU A 40 -5.62 5.74 0.68
CA LEU A 40 -6.95 5.55 0.14
C LEU A 40 -7.19 6.35 -1.15
N ASN A 41 -6.78 7.60 -1.16
CA ASN A 41 -6.91 8.45 -2.35
C ASN A 41 -6.13 7.93 -3.58
N SER A 42 -5.05 7.15 -3.38
CA SER A 42 -4.27 6.59 -4.49
C SER A 42 -5.11 5.51 -5.23
N ILE A 43 -6.06 4.89 -4.54
CA ILE A 43 -6.93 3.90 -5.15
C ILE A 43 -7.82 4.53 -6.19
N ILE A 44 -8.39 5.68 -5.86
CA ILE A 44 -9.44 6.29 -6.69
C ILE A 44 -9.01 7.34 -7.72
N ASP A 45 -7.81 7.92 -7.61
CA ASP A 45 -7.47 9.06 -8.45
C ASP A 45 -7.02 8.57 -9.82
N MET A 46 -7.84 8.82 -10.84
CA MET A 46 -7.55 8.32 -12.17
C MET A 46 -6.56 9.22 -12.94
N ASN A 47 -6.24 10.38 -12.38
CA ASN A 47 -5.21 11.27 -12.94
C ASN A 47 -3.77 10.95 -12.43
N PRO A 48 -2.98 10.18 -13.22
CA PRO A 48 -1.61 9.84 -12.86
C PRO A 48 -0.57 10.33 -13.87
N SER A 49 -0.25 11.63 -13.87
CA SER A 49 0.83 12.19 -14.70
C SER A 49 2.23 11.66 -14.34
N SER A 50 2.42 11.33 -13.07
CA SER A 50 3.66 10.76 -12.57
C SER A 50 3.39 9.77 -11.41
N THR A 51 4.42 9.02 -11.05
CA THR A 51 4.38 8.07 -9.93
C THR A 51 4.00 8.85 -8.72
N LEU A 52 4.70 9.95 -8.50
CA LEU A 52 4.43 10.77 -7.32
C LEU A 52 3.02 11.38 -7.32
N ALA A 53 2.48 11.74 -8.49
CA ALA A 53 1.08 12.26 -8.56
C ALA A 53 0.03 11.25 -8.05
N VAL A 54 0.30 9.96 -8.23
CA VAL A 54 -0.55 8.90 -7.63
C VAL A 54 -0.76 9.04 -6.13
N PHE A 55 0.27 9.51 -5.44
CA PHE A 55 0.25 9.80 -4.00
C PHE A 55 0.06 11.29 -3.67
N GLY A 56 -0.51 12.03 -4.61
CA GLY A 56 -0.76 13.45 -4.41
C GLY A 56 0.32 14.47 -4.73
N GLY A 57 1.41 14.05 -5.34
CA GLY A 57 2.36 15.02 -5.86
C GLY A 57 3.32 15.56 -4.82
N SER A 58 3.25 15.06 -3.58
CA SER A 58 4.22 15.46 -2.58
C SER A 58 4.86 14.28 -1.89
N GLU A 59 6.21 14.32 -1.82
CA GLU A 59 7.00 13.33 -1.13
C GLU A 59 6.59 13.16 0.35
N ALA A 60 6.17 14.26 1.00
CA ALA A 60 5.74 14.21 2.38
C ALA A 60 4.56 13.23 2.63
N ASN A 61 3.76 13.03 1.58
CA ASN A 61 2.65 12.13 1.61
C ASN A 61 3.04 10.66 1.78
N LEU A 62 4.26 10.32 1.43
CA LEU A 62 4.75 8.95 1.57
C LEU A 62 5.73 8.74 2.76
N ARG A 63 5.81 9.71 3.65
CA ARG A 63 6.88 9.65 4.68
C ARG A 63 6.83 8.34 5.48
N VAL A 64 5.62 7.97 5.86
CA VAL A 64 5.36 6.74 6.58
C VAL A 64 5.92 5.53 5.86
N GLY A 65 5.57 5.41 4.57
CA GLY A 65 6.02 4.33 3.72
C GLY A 65 7.54 4.33 3.51
N LEU A 66 8.14 5.51 3.34
CA LEU A 66 9.59 5.64 3.13
C LEU A 66 10.39 5.18 4.37
N GLU A 67 9.92 5.55 5.56
CA GLU A 67 10.54 5.13 6.82
C GLU A 67 10.40 3.63 7.07
N THR A 68 9.24 3.11 6.70
CA THR A 68 8.94 1.66 6.81
C THR A 68 9.80 0.89 5.86
N LEU A 69 9.93 1.41 4.64
CA LEU A 69 10.75 0.76 3.64
C LEU A 69 12.20 0.48 4.13
N LEU A 70 12.77 1.45 4.80
CA LEU A 70 14.12 1.31 5.34
C LEU A 70 14.30 0.08 6.25
N GLY A 71 13.33 -0.18 7.13
CA GLY A 71 13.34 -1.40 7.92
C GLY A 71 13.03 -2.68 7.15
N VAL A 72 12.13 -2.60 6.17
CA VAL A 72 11.69 -3.79 5.47
C VAL A 72 12.83 -4.34 4.58
N LEU A 73 13.63 -3.43 4.04
CA LEU A 73 14.75 -3.80 3.20
C LEU A 73 15.92 -4.29 4.04
N ASN A 74 16.20 -3.59 5.12
CA ASN A 74 17.46 -3.77 5.89
C ASN A 74 17.46 -4.46 7.24
N ALA A 75 16.45 -4.19 8.06
CA ALA A 75 16.45 -4.68 9.44
C ALA A 75 16.16 -6.18 9.43
N SER A 76 15.10 -6.54 8.72
CA SER A 76 14.82 -7.90 8.29
C SER A 76 14.97 -9.00 9.37
N SER A 77 14.49 -8.74 10.58
CA SER A 77 14.45 -9.82 11.58
C SER A 77 13.36 -10.80 11.18
N ARG A 78 13.42 -11.99 11.75
CA ARG A 78 12.42 -13.02 11.52
C ARG A 78 11.38 -12.96 12.64
N GLN A 79 11.65 -12.17 13.68
CA GLN A 79 10.62 -11.93 14.66
C GLN A 79 10.35 -10.45 14.96
N GLY A 80 9.30 -10.20 15.73
CA GLY A 80 9.01 -8.87 16.23
C GLY A 80 8.23 -8.05 15.23
N LEU A 81 8.16 -6.75 15.50
CA LEU A 81 7.34 -5.84 14.71
C LEU A 81 7.79 -5.81 13.29
N ASN A 82 9.09 -5.65 13.05
CA ASN A 82 9.50 -5.48 11.67
C ASN A 82 9.27 -6.73 10.85
N ALA A 83 9.33 -7.89 11.48
CA ALA A 83 9.01 -9.12 10.77
C ALA A 83 7.55 -9.15 10.30
N GLU A 84 6.62 -8.49 11.01
CA GLU A 84 5.23 -8.38 10.49
C GLU A 84 5.20 -7.54 9.23
N LEU A 85 5.92 -6.42 9.23
CA LEU A 85 5.91 -5.51 8.08
C LEU A 85 6.46 -6.15 6.85
N THR A 86 7.49 -6.97 7.05
CA THR A 86 8.07 -7.71 5.96
C THR A 86 7.12 -8.74 5.42
N ARG A 87 6.43 -9.49 6.28
CA ARG A 87 5.47 -10.51 5.85
C ARG A 87 4.28 -9.89 5.09
N TYR A 88 3.78 -8.75 5.58
CA TYR A 88 2.68 -8.04 4.87
C TYR A 88 3.17 -7.56 3.51
N THR A 89 4.35 -6.96 3.43
CA THR A 89 4.78 -6.42 2.12
C THR A 89 5.03 -7.52 1.07
N LEU A 90 5.63 -8.63 1.49
CA LEU A 90 5.86 -9.77 0.59
C LEU A 90 4.56 -10.46 0.19
N SER A 91 3.61 -10.59 1.11
CA SER A 91 2.25 -11.07 0.76
C SER A 91 1.54 -10.19 -0.25
N LEU A 92 1.65 -8.87 -0.09
CA LEU A 92 1.06 -7.94 -1.05
C LEU A 92 1.65 -8.12 -2.43
N MET A 93 2.98 -8.25 -2.48
CA MET A 93 3.68 -8.41 -3.77
C MET A 93 3.29 -9.72 -4.44
N VAL A 94 3.20 -10.81 -3.66
CA VAL A 94 2.80 -12.13 -4.19
C VAL A 94 1.36 -12.09 -4.72
N LEU A 95 0.45 -11.46 -3.98
CA LEU A 95 -0.93 -11.25 -4.43
C LEU A 95 -1.04 -10.38 -5.68
N GLU A 96 -0.19 -9.39 -5.85
CA GLU A 96 -0.34 -8.54 -7.02
C GLU A 96 0.09 -9.29 -8.28
N ARG A 97 1.08 -10.16 -8.13
CA ARG A 97 1.50 -10.97 -9.29
C ARG A 97 0.45 -11.98 -9.68
N LYS A 98 -0.33 -12.50 -8.71
CA LYS A 98 -1.44 -13.40 -9.03
C LYS A 98 -2.50 -12.58 -9.76
N LEU A 99 -2.79 -11.38 -9.25
CA LEU A 99 -3.78 -10.51 -9.92
C LEU A 99 -3.32 -10.18 -11.34
N SER A 100 -2.04 -9.91 -11.52
CA SER A 100 -1.57 -9.50 -12.84
C SER A 100 -1.66 -10.65 -13.85
N SER A 101 -1.39 -11.87 -13.37
CA SER A 101 -1.44 -13.06 -14.21
C SER A 101 -2.86 -13.63 -14.41
N ALA A 102 -3.83 -13.30 -13.56
CA ALA A 102 -5.14 -13.95 -13.64
C ALA A 102 -5.95 -13.35 -14.77
N LYS A 103 -6.24 -14.16 -15.81
CA LYS A 103 -6.93 -13.62 -17.00
C LYS A 103 -8.21 -12.92 -16.55
N GLY A 104 -8.39 -11.69 -16.99
CA GLY A 104 -9.56 -10.91 -16.62
C GLY A 104 -9.52 -10.10 -15.31
N ALA A 105 -8.73 -10.47 -14.33
CA ALA A 105 -8.87 -9.84 -13.01
C ALA A 105 -8.58 -8.32 -12.96
N LEU A 106 -7.52 -7.88 -13.60
CA LEU A 106 -7.20 -6.46 -13.61
C LEU A 106 -8.30 -5.58 -14.26
N ASP A 107 -8.97 -6.04 -15.31
CA ASP A 107 -10.09 -5.31 -15.93
C ASP A 107 -11.24 -5.26 -14.94
N THR A 108 -11.57 -6.41 -14.35
CA THR A 108 -12.58 -6.45 -13.30
C THR A 108 -12.30 -5.42 -12.21
N LEU A 109 -11.06 -5.41 -11.76
CA LEU A 109 -10.70 -4.57 -10.62
C LEU A 109 -10.86 -3.10 -10.98
N GLY A 110 -10.34 -2.70 -12.14
CA GLY A 110 -10.50 -1.33 -12.58
C GLY A 110 -11.94 -0.87 -12.64
N ASN A 111 -12.81 -1.76 -13.12
CA ASN A 111 -14.25 -1.46 -13.16
C ASN A 111 -14.88 -1.33 -11.78
N ARG A 112 -14.53 -2.26 -10.90
CA ARG A 112 -15.04 -2.22 -9.54
C ARG A 112 -14.53 -0.94 -8.84
N ILE A 113 -13.26 -0.56 -9.04
CA ILE A 113 -12.75 0.67 -8.45
C ILE A 113 -13.51 1.88 -9.00
N ASN A 114 -13.70 1.96 -10.30
CA ASN A 114 -14.38 3.13 -10.86
C ASN A 114 -15.82 3.28 -10.39
N GLY A 115 -16.47 2.14 -10.21
CA GLY A 115 -17.71 1.97 -9.49
C GLY A 115 -17.85 2.53 -8.08
N LEU A 116 -16.77 2.86 -7.38
CA LEU A 116 -16.93 3.54 -6.08
C LEU A 116 -17.54 4.94 -6.26
N GLN A 117 -17.60 5.46 -7.48
CA GLN A 117 -18.36 6.70 -7.70
C GLN A 117 -19.85 6.65 -7.30
N ARG A 118 -20.41 5.46 -7.29
CA ARG A 118 -21.78 5.24 -6.83
C ARG A 118 -21.93 5.70 -5.35
N GLN A 119 -20.94 5.35 -4.53
CA GLN A 119 -20.91 5.73 -3.09
C GLN A 119 -20.31 7.12 -2.86
N LEU A 120 -19.22 7.43 -3.57
CA LEU A 120 -18.59 8.76 -3.43
C LEU A 120 -19.51 9.94 -3.71
N GLU A 121 -20.62 9.70 -4.41
CA GLU A 121 -21.57 10.77 -4.68
C GLU A 121 -22.13 11.40 -3.39
N HIS A 122 -22.38 10.54 -2.40
CA HIS A 122 -23.04 10.87 -1.15
C HIS A 122 -22.18 10.72 0.13
N PHE A 123 -21.02 10.10 0.00
CA PHE A 123 -20.20 9.71 1.16
C PHE A 123 -18.77 10.01 0.87
N ASP A 124 -18.10 10.54 1.88
CA ASP A 124 -16.70 10.85 1.83
C ASP A 124 -15.84 9.58 1.82
N LEU A 125 -14.61 9.77 1.41
CA LEU A 125 -13.69 8.65 1.15
C LEU A 125 -13.41 7.90 2.46
N GLN A 126 -13.32 8.63 3.57
CA GLN A 126 -13.00 8.04 4.87
C GLN A 126 -14.20 7.49 5.66
N SER A 127 -15.43 7.66 5.16
CA SER A 127 -16.64 7.09 5.78
C SER A 127 -16.63 5.56 5.90
N GLU A 128 -17.44 5.04 6.84
CA GLU A 128 -17.59 3.62 7.07
C GLU A 128 -18.17 3.03 5.80
N THR A 129 -19.03 3.77 5.10
CA THR A 129 -19.61 3.29 3.83
C THR A 129 -18.56 3.03 2.74
N LEU A 130 -17.65 3.96 2.55
CA LEU A 130 -16.58 3.80 1.54
C LEU A 130 -15.60 2.73 1.92
N MET A 131 -15.31 2.66 3.21
CA MET A 131 -14.32 1.70 3.72
C MET A 131 -14.82 0.28 3.44
N SER A 132 -16.10 0.04 3.74
CA SER A 132 -16.76 -1.25 3.42
C SER A 132 -16.94 -1.51 1.93
N ALA A 133 -17.13 -0.48 1.11
CA ALA A 133 -17.19 -0.73 -0.33
C ALA A 133 -15.81 -1.09 -0.90
N MET A 134 -14.74 -0.48 -0.38
CA MET A 134 -13.37 -0.80 -0.83
C MET A 134 -12.90 -2.16 -0.30
N ALA A 135 -13.21 -2.48 0.95
CA ALA A 135 -12.97 -3.83 1.50
C ALA A 135 -13.65 -4.91 0.70
N ALA A 136 -14.88 -4.65 0.24
CA ALA A 136 -15.62 -5.61 -0.58
C ALA A 136 -14.91 -5.92 -1.89
N ILE A 137 -14.31 -4.91 -2.48
CA ILE A 137 -13.51 -5.06 -3.66
C ILE A 137 -12.26 -5.92 -3.41
N TYR A 138 -11.53 -5.63 -2.34
CA TYR A 138 -10.38 -6.43 -1.94
C TYR A 138 -10.83 -7.88 -1.77
N VAL A 139 -11.87 -8.08 -0.99
CA VAL A 139 -12.34 -9.41 -0.64
C VAL A 139 -12.91 -10.19 -1.80
N ASP A 140 -13.71 -9.55 -2.65
CA ASP A 140 -14.34 -10.18 -3.82
C ASP A 140 -13.39 -10.38 -5.01
N VAL A 141 -12.39 -9.52 -5.16
CA VAL A 141 -11.61 -9.50 -6.43
C VAL A 141 -10.21 -10.03 -6.26
N ILE A 142 -9.58 -9.63 -5.19
CA ILE A 142 -8.17 -9.87 -5.01
C ILE A 142 -7.92 -11.09 -4.09
N SER A 143 -8.60 -11.16 -2.95
CA SER A 143 -8.21 -12.13 -1.90
C SER A 143 -8.37 -13.60 -2.32
N PRO A 144 -9.31 -13.92 -3.18
CA PRO A 144 -9.41 -15.30 -3.70
C PRO A 144 -8.31 -15.69 -4.67
N LEU A 145 -7.55 -14.74 -5.21
CA LEU A 145 -6.52 -15.04 -6.20
C LEU A 145 -5.24 -15.61 -5.62
N GLY A 146 -5.10 -15.59 -4.30
CA GLY A 146 -3.89 -16.12 -3.67
C GLY A 146 -3.97 -16.35 -2.17
N PRO A 147 -2.83 -16.61 -1.54
CA PRO A 147 -2.85 -16.83 -0.10
C PRO A 147 -3.32 -15.56 0.64
N ARG A 148 -4.16 -15.76 1.65
CA ARG A 148 -4.61 -14.72 2.56
C ARG A 148 -3.45 -14.05 3.32
N ILE A 149 -3.52 -12.73 3.41
CA ILE A 149 -2.62 -11.98 4.23
C ILE A 149 -3.17 -12.15 5.66
N GLN A 150 -2.44 -12.91 6.48
CA GLN A 150 -2.80 -13.15 7.87
C GLN A 150 -2.38 -11.96 8.74
N VAL A 151 -3.37 -11.25 9.22
CA VAL A 151 -3.15 -9.98 9.95
C VAL A 151 -3.12 -10.26 11.45
N THR A 152 -2.01 -9.89 12.12
CA THR A 152 -1.88 -10.11 13.56
C THR A 152 -1.80 -8.80 14.31
N GLY A 153 -2.42 -8.79 15.48
CA GLY A 153 -2.48 -7.65 16.35
C GLY A 153 -3.19 -8.02 17.63
N SER A 154 -3.89 -7.07 18.23
CA SER A 154 -4.77 -7.38 19.37
C SER A 154 -6.02 -8.06 18.81
N PRO A 155 -6.26 -9.30 19.18
CA PRO A 155 -7.43 -10.01 18.67
C PRO A 155 -8.77 -9.32 18.94
N ALA A 156 -8.92 -8.67 20.09
CA ALA A 156 -10.17 -8.00 20.42
C ALA A 156 -10.40 -6.85 19.45
N VAL A 157 -9.38 -6.03 19.23
CA VAL A 157 -9.47 -4.92 18.25
C VAL A 157 -9.95 -5.43 16.88
N LEU A 158 -9.44 -6.60 16.49
CA LEU A 158 -9.69 -7.14 15.16
C LEU A 158 -11.09 -7.79 14.95
N GLN A 159 -11.89 -7.88 16.01
CA GLN A 159 -13.25 -8.37 15.92
C GLN A 159 -14.14 -7.22 15.41
N SER A 160 -13.70 -5.97 15.52
CA SER A 160 -14.50 -4.87 14.97
C SER A 160 -14.63 -5.01 13.43
N PRO A 161 -15.86 -5.04 12.94
CA PRO A 161 -16.10 -5.03 11.49
C PRO A 161 -15.59 -3.73 10.81
N GLN A 162 -15.55 -2.62 11.53
CA GLN A 162 -15.00 -1.38 11.01
C GLN A 162 -13.48 -1.44 10.94
N VAL A 163 -12.81 -2.03 11.94
CA VAL A 163 -11.37 -2.27 11.82
C VAL A 163 -11.09 -3.23 10.64
N GLN A 164 -11.86 -4.29 10.53
CA GLN A 164 -11.68 -5.25 9.45
C GLN A 164 -11.81 -4.57 8.08
N ALA A 165 -12.83 -3.74 7.93
CA ALA A 165 -13.08 -2.98 6.72
C ALA A 165 -11.92 -2.08 6.30
N LYS A 166 -11.39 -1.32 7.26
CA LYS A 166 -10.22 -0.45 7.05
C LYS A 166 -8.95 -1.21 6.71
N VAL A 167 -8.77 -2.38 7.33
CA VAL A 167 -7.65 -3.25 7.04
C VAL A 167 -7.67 -3.64 5.60
N ARG A 168 -8.80 -4.16 5.17
CA ARG A 168 -8.99 -4.66 3.83
C ARG A 168 -8.89 -3.50 2.78
N ALA A 169 -9.41 -2.35 3.13
CA ALA A 169 -9.38 -1.22 2.24
C ALA A 169 -7.85 -0.75 2.08
N THR A 170 -7.11 -0.81 3.17
CA THR A 170 -5.72 -0.42 3.18
C THR A 170 -4.85 -1.45 2.44
N LEU A 171 -5.18 -2.73 2.57
CA LEU A 171 -4.58 -3.78 1.74
C LEU A 171 -4.83 -3.55 0.26
N LEU A 172 -6.00 -3.05 -0.10
CA LEU A 172 -6.27 -2.69 -1.52
C LEU A 172 -5.35 -1.59 -2.01
N ALA A 173 -5.14 -0.58 -1.18
CA ALA A 173 -4.10 0.41 -1.44
C ALA A 173 -2.67 -0.16 -1.69
N GLY A 174 -2.26 -1.14 -0.88
CA GLY A 174 -0.94 -1.74 -1.02
C GLY A 174 -0.87 -2.54 -2.30
N ILE A 175 -1.99 -3.12 -2.72
CA ILE A 175 -2.06 -3.78 -4.04
C ILE A 175 -1.94 -2.75 -5.14
N ARG A 176 -2.61 -1.61 -4.96
CA ARG A 176 -2.60 -0.57 -5.97
C ARG A 176 -1.18 -0.01 -6.17
N ALA A 177 -0.41 0.10 -5.07
CA ALA A 177 1.00 0.53 -5.14
C ALA A 177 1.90 -0.54 -5.79
N ALA A 178 1.61 -1.81 -5.55
CA ALA A 178 2.39 -2.89 -6.14
C ALA A 178 2.17 -2.95 -7.64
N VAL A 179 0.95 -2.64 -8.08
CA VAL A 179 0.66 -2.51 -9.51
C VAL A 179 1.52 -1.40 -10.09
N LEU A 180 1.65 -0.28 -9.40
CA LEU A 180 2.43 0.83 -9.92
C LEU A 180 3.91 0.49 -10.00
N TRP A 181 4.38 -0.17 -8.95
CA TRP A 181 5.74 -0.63 -8.80
C TRP A 181 6.17 -1.38 -10.06
N HIS A 182 5.37 -2.35 -10.49
CA HIS A 182 5.65 -3.14 -11.72
C HIS A 182 5.52 -2.27 -13.00
N GLN A 183 4.53 -1.40 -13.02
CA GLN A 183 4.42 -0.44 -14.12
C GLN A 183 5.64 0.50 -14.28
N VAL A 184 6.37 0.83 -13.20
CA VAL A 184 7.58 1.70 -13.30
C VAL A 184 8.94 0.97 -13.34
N GLY A 185 8.89 -0.34 -13.57
CA GLY A 185 10.09 -1.12 -13.81
C GLY A 185 10.48 -1.97 -12.64
N GLY A 186 9.74 -1.84 -11.56
CA GLY A 186 10.01 -2.64 -10.39
C GLY A 186 9.68 -4.09 -10.60
N GLY A 187 10.25 -4.88 -9.71
CA GLY A 187 10.01 -6.32 -9.65
C GLY A 187 10.94 -7.04 -8.69
N ARG A 188 10.68 -8.34 -8.60
CA ARG A 188 11.34 -9.27 -7.67
C ARG A 188 12.86 -9.21 -7.78
N LEU A 189 13.37 -9.42 -9.00
CA LEU A 189 14.78 -9.48 -9.28
C LEU A 189 15.43 -8.09 -9.10
N GLN A 190 14.75 -7.05 -9.58
CA GLN A 190 15.20 -5.69 -9.33
C GLN A 190 15.43 -5.49 -7.84
N LEU A 191 14.49 -5.98 -7.04
CA LEU A 191 14.49 -5.76 -5.62
C LEU A 191 15.62 -6.56 -4.89
N MET A 192 15.89 -7.77 -5.34
CA MET A 192 17.05 -8.53 -4.87
C MET A 192 18.37 -7.93 -5.28
N PHE A 193 18.40 -7.23 -6.42
CA PHE A 193 19.67 -6.69 -6.93
C PHE A 193 19.90 -5.24 -6.70
N SER A 194 18.95 -4.52 -6.20
CA SER A 194 19.09 -3.06 -6.09
C SER A 194 18.76 -2.52 -4.72
N ARG A 195 18.89 -3.34 -3.70
CA ARG A 195 18.53 -2.89 -2.36
C ARG A 195 19.21 -1.63 -1.80
N ASN A 196 20.52 -1.56 -1.81
CA ASN A 196 21.21 -0.40 -1.26
C ASN A 196 20.85 0.85 -2.01
N ARG A 197 20.60 0.75 -3.32
CA ARG A 197 20.12 1.92 -4.12
C ARG A 197 18.75 2.45 -3.72
N LEU A 198 17.83 1.54 -3.44
CA LEU A 198 16.50 1.89 -2.88
C LEU A 198 16.61 2.49 -1.47
N THR A 199 17.42 1.90 -0.61
CA THR A 199 17.63 2.38 0.75
C THR A 199 18.22 3.80 0.73
N THR A 200 19.23 3.98 -0.09
CA THR A 200 19.92 5.26 -0.16
C THR A 200 18.96 6.33 -0.68
N GLN A 201 18.16 5.98 -1.66
CA GLN A 201 17.27 6.96 -2.27
C GLN A 201 16.18 7.35 -1.30
N ALA A 202 15.67 6.38 -0.54
CA ALA A 202 14.70 6.68 0.50
C ALA A 202 15.29 7.55 1.60
N LYS A 203 16.55 7.29 1.99
CA LYS A 203 17.20 8.16 3.02
C LYS A 203 17.31 9.59 2.50
N GLN A 204 17.64 9.73 1.24
CA GLN A 204 17.76 11.04 0.59
C GLN A 204 16.45 11.84 0.60
N ILE A 205 15.36 11.14 0.31
CA ILE A 205 14.03 11.76 0.34
C ILE A 205 13.63 12.20 1.76
N LEU A 206 13.92 11.35 2.76
CA LEU A 206 13.63 11.72 4.15
C LEU A 206 14.51 12.88 4.63
N ALA A 207 15.77 12.91 4.22
CA ALA A 207 16.61 14.10 4.50
C ALA A 207 16.07 15.33 3.77
N HIS A 208 15.64 15.14 2.55
CA HIS A 208 15.07 16.28 1.80
C HIS A 208 13.81 16.77 2.49
N LEU A 209 13.04 15.86 3.11
CA LEU A 209 11.83 16.27 3.88
C LEU A 209 12.12 16.89 5.23
N THR A 210 13.37 16.92 5.65
CA THR A 210 13.63 17.32 7.03
C THR A 210 14.84 18.23 7.12
N PRO A 211 14.75 19.40 6.48
CA PRO A 211 15.85 20.38 6.46
C PRO A 211 16.13 20.98 7.85
N GLU A 212 15.11 20.99 8.73
CA GLU A 212 15.28 21.26 10.19
C GLU A 212 16.50 20.59 10.80
N LEU A 213 16.71 19.33 10.40
CA LEU A 213 17.79 18.50 10.92
C LEU A 213 18.90 18.40 9.89
P PO4 B . 8.33 -10.26 -11.01
O1 PO4 B . 7.44 -11.47 -11.22
O2 PO4 B . 9.77 -10.68 -11.15
O3 PO4 B . 8.07 -9.74 -9.63
O4 PO4 B . 8.10 -9.21 -12.08
HG HG C . 7.73 -2.08 1.03
HG HG D . 14.08 20.83 -2.37
HG HG E . -6.33 5.72 10.21
HG HG F . 0.02 -5.31 19.96
HG HG G . -27.94 10.96 -7.76
HG HG H . -28.05 10.44 -5.58
HG HG I . 7.43 -6.57 -12.89
HG HG J . -5.32 2.21 9.21
HG HG K . -24.70 6.67 -2.85
HG HG L . -6.00 -1.87 -6.34
#